data_5I59
#
_entry.id   5I59
#
_cell.length_a   53.951
_cell.length_b   86.729
_cell.length_c   123.019
_cell.angle_alpha   90.00
_cell.angle_beta   90.00
_cell.angle_gamma   90.00
#
_symmetry.space_group_name_H-M   'P 21 21 21'
#
loop_
_entity.id
_entity.type
_entity.pdbx_description
1 polymer 'Glutamate receptor ionotropic, NMDA 1,Glutamate receptor ionotropic, NMDA 1'
2 polymer 'Glutamate receptor ionotropic, NMDA 2A,Glutamate receptor ionotropic, NMDA 2A'
3 non-polymer GLYCINE
4 non-polymer 'GLUTAMIC ACID'
5 non-polymer 5-({[(3,4-difluorophenyl)sulfonyl]amino}methyl)-6-methyl-N-[(2-methyl-4H-1lambda~4~,3-thiazol-5-yl)methyl]pyrazine-2-carboxamide
6 water water
#
loop_
_entity_poly.entity_id
_entity_poly.type
_entity_poly.pdbx_seq_one_letter_code
_entity_poly.pdbx_strand_id
1 'polypeptide(L)'
;GMSTRLKIVTIHQEPFVYVKPTMSDGTCKEEFTVNGDPVKKVICTGPNDTSPGSPRHTVPQCCYGFCIDLLIKLARTMNF
TYEVHLVADGKFGTQERVNNSNKKEWNGMMGELLSGQADMIVAPLTINNERAQYIEFSKPFKYQGLTILVKKGTRITGIN
DPRLRNPSDKFIYATVKQSSVDIYFRRQVELSTMYRHMEKHNYESAAEAIQAVRDNKLHAFIWDSAVLEFEASQKCDLVT
TGELFFRSGFGIGMRKDSPWKQNVSLSILKSHENGFMEDLDKTWVRYQECDS
;
A
2 'polypeptide(L)'
;SDDNHLSIVTLEEAPFVIVEDIDPLTETCVRNTVPCRKFVKINNSTNEGMNVKKCCKGFCIDILKKLSRTVKFTYDLYLV
TNGKHGKKVNNVWNGMIGEVVYQRAVMAVGSLTINEERSEVVDFSVPFVETGISVMVSRGTQVTGLSDKKFQRPHDYSPP
FRFGTVPNGSTERNIRNNYPYMHQYMTRFNQRGVEDALVSLKTGKLDAFIYDAAVLNYKAGRDEGCKLVTIGSGYIFATT
GYGIALQKGSPWKRQIDLALLQFVGDGEMEELETLWLTGIC
;
B
#
# COMPACT_ATOMS: atom_id res chain seq x y z
N THR A 4 5.07 28.86 14.38
CA THR A 4 4.59 27.81 15.28
C THR A 4 5.24 26.46 14.98
N ARG A 5 5.54 25.72 16.04
CA ARG A 5 6.22 24.43 15.93
C ARG A 5 5.19 23.28 15.88
N LEU A 6 5.57 22.16 15.27
CA LEU A 6 4.69 21.01 15.22
C LEU A 6 4.86 20.11 16.43
N LYS A 7 3.75 19.76 17.07
CA LYS A 7 3.76 18.77 18.14
C LYS A 7 3.56 17.39 17.55
N ILE A 8 4.58 16.55 17.73
CA ILE A 8 4.57 15.20 17.21
C ILE A 8 4.34 14.15 18.28
N VAL A 9 3.23 13.44 18.19
CA VAL A 9 3.04 12.28 19.05
C VAL A 9 3.49 11.02 18.34
N THR A 10 4.14 10.14 19.11
CA THR A 10 4.41 8.82 18.61
C THR A 10 4.26 7.80 19.73
N ILE A 11 4.74 6.59 19.50
CA ILE A 11 4.53 5.48 20.41
C ILE A 11 5.69 4.47 20.33
N HIS A 12 5.99 3.83 21.46
CA HIS A 12 7.03 2.80 21.50
C HIS A 12 6.58 1.61 20.67
N GLN A 13 7.46 1.20 19.76
CA GLN A 13 7.18 0.12 18.80
C GLN A 13 8.41 -0.21 17.93
N GLU A 14 9.30 -1.02 18.45
CA GLU A 14 10.46 -1.47 17.69
C GLU A 14 9.99 -2.25 16.46
N PRO A 15 10.68 -2.12 15.32
CA PRO A 15 11.85 -1.26 15.03
C PRO A 15 11.49 0.13 14.49
N PHE A 16 10.26 0.58 14.70
CA PHE A 16 9.87 1.89 14.19
C PHE A 16 10.18 3.01 15.17
N VAL A 17 9.89 2.79 16.46
CA VAL A 17 10.32 3.73 17.50
C VAL A 17 10.92 3.00 18.71
N TYR A 18 12.25 3.00 18.78
CA TYR A 18 12.97 2.61 20.00
C TYR A 18 12.86 3.73 21.04
N VAL A 19 12.68 3.35 22.30
CA VAL A 19 12.67 4.29 23.41
C VAL A 19 13.69 3.89 24.46
N LYS A 20 14.61 4.81 24.75
CA LYS A 20 15.72 4.56 25.66
C LYS A 20 15.93 5.74 26.59
N PRO A 21 16.48 5.50 27.80
CA PRO A 21 16.65 6.58 28.78
C PRO A 21 17.85 7.45 28.45
N THR A 22 17.71 8.78 28.60
CA THR A 22 18.86 9.66 28.40
C THR A 22 19.90 9.28 29.43
N MET A 23 21.19 9.46 29.08
CA MET A 23 22.22 9.27 30.09
C MET A 23 22.18 10.47 31.04
N SER A 24 23.09 10.51 32.01
CA SER A 24 22.97 11.42 33.15
C SER A 24 22.90 12.91 32.83
N ASP A 25 23.42 13.31 31.67
CA ASP A 25 23.50 14.73 31.33
C ASP A 25 22.20 15.26 30.69
N GLY A 26 21.27 14.35 30.38
CA GLY A 26 20.06 14.70 29.65
C GLY A 26 20.29 14.67 28.15
N THR A 27 21.01 13.64 27.70
CA THR A 27 21.43 13.52 26.31
C THR A 27 21.56 12.03 26.00
N CYS A 28 21.50 11.67 24.71
CA CYS A 28 21.43 10.26 24.32
C CYS A 28 22.82 9.67 24.08
N VAL A 39 23.60 6.96 14.10
CA VAL A 39 22.17 6.85 14.36
C VAL A 39 21.58 8.15 14.89
N LYS A 40 20.60 8.69 14.16
CA LYS A 40 19.94 9.93 14.58
C LYS A 40 19.00 9.66 15.75
N LYS A 41 19.03 10.51 16.76
CA LYS A 41 18.20 10.37 17.96
C LYS A 41 17.56 11.71 18.28
N VAL A 42 16.35 11.67 18.82
CA VAL A 42 15.65 12.92 19.16
C VAL A 42 15.19 12.89 20.59
N ILE A 43 15.17 14.05 21.23
CA ILE A 43 14.64 14.13 22.57
C ILE A 43 13.12 14.13 22.53
N CYS A 44 12.54 13.16 23.22
CA CYS A 44 11.09 13.06 23.35
C CYS A 44 10.69 12.89 24.80
N THR A 45 9.56 13.48 25.16
CA THR A 45 9.09 13.39 26.52
C THR A 45 7.96 12.36 26.64
N GLY A 46 7.97 11.58 27.72
CA GLY A 46 6.97 10.54 27.88
C GLY A 46 6.88 10.08 29.33
N PRO A 47 5.72 9.51 29.69
CA PRO A 47 5.41 9.02 31.05
C PRO A 47 6.50 8.16 31.67
N HIS A 57 3.35 11.66 35.05
CA HIS A 57 4.14 12.85 34.75
C HIS A 57 5.34 12.51 33.86
N THR A 58 5.65 13.46 32.98
CA THR A 58 6.58 13.23 31.88
C THR A 58 8.05 13.46 32.22
N VAL A 59 8.93 12.83 31.43
CA VAL A 59 10.37 12.92 31.60
C VAL A 59 11.02 12.84 30.21
N PRO A 60 12.11 13.60 30.00
CA PRO A 60 12.95 13.51 28.79
C PRO A 60 13.47 12.10 28.52
N GLN A 61 13.43 11.67 27.26
CA GLN A 61 13.87 10.33 26.83
C GLN A 61 14.40 10.37 25.40
N CYS A 62 15.02 9.26 24.98
CA CYS A 62 15.61 9.16 23.65
C CYS A 62 14.83 8.26 22.70
N CYS A 63 14.26 8.88 21.65
CA CYS A 63 13.55 8.14 20.60
C CYS A 63 14.41 8.01 19.34
N TYR A 64 14.44 6.81 18.77
CA TYR A 64 15.08 6.60 17.46
C TYR A 64 14.37 5.49 16.71
N GLY A 65 14.86 5.18 15.51
CA GLY A 65 14.23 4.17 14.67
C GLY A 65 13.71 4.67 13.33
N PHE A 66 13.11 3.74 12.59
CA PHE A 66 12.52 3.97 11.27
C PHE A 66 11.65 5.24 11.15
N CYS A 67 10.57 5.30 11.96
CA CYS A 67 9.62 6.40 11.90
C CYS A 67 10.29 7.69 12.29
N ILE A 68 11.37 7.57 13.05
CA ILE A 68 12.10 8.75 13.49
C ILE A 68 12.89 9.29 12.32
N ASP A 69 13.58 8.38 11.63
CA ASP A 69 14.29 8.71 10.40
C ASP A 69 13.36 9.33 9.37
N LEU A 70 12.16 8.78 9.26
CA LEU A 70 11.13 9.35 8.39
C LEU A 70 10.80 10.78 8.82
N LEU A 71 10.53 10.95 10.12
CA LEU A 71 10.18 12.25 10.67
C LEU A 71 11.26 13.27 10.37
N ILE A 72 12.51 12.89 10.64
CA ILE A 72 13.65 13.75 10.34
C ILE A 72 13.73 14.04 8.83
N LYS A 73 13.42 13.06 7.98
CA LYS A 73 13.41 13.32 6.54
C LYS A 73 12.31 14.32 6.14
N LEU A 74 11.12 14.16 6.70
CA LEU A 74 10.03 15.09 6.41
C LEU A 74 10.34 16.49 6.94
N ALA A 75 10.98 16.57 8.10
CA ALA A 75 11.28 17.84 8.76
C ALA A 75 12.22 18.69 7.92
N ARG A 76 13.28 18.05 7.42
CA ARG A 76 14.27 18.73 6.60
C ARG A 76 13.73 19.03 5.20
N THR A 77 12.99 18.08 4.65
CA THR A 77 12.37 18.22 3.33
C THR A 77 11.42 19.38 3.28
N MET A 78 10.51 19.44 4.24
CA MET A 78 9.47 20.44 4.22
C MET A 78 9.84 21.65 5.08
N ASN A 79 11.05 21.61 5.64
CA ASN A 79 11.60 22.68 6.49
C ASN A 79 10.73 23.11 7.67
N PHE A 80 10.52 22.22 8.63
CA PHE A 80 9.79 22.60 9.86
C PHE A 80 10.53 22.11 11.10
N THR A 81 10.13 22.64 12.24
CA THR A 81 10.65 22.16 13.51
C THR A 81 9.55 21.40 14.21
N TYR A 82 9.93 20.61 15.19
CA TYR A 82 8.99 19.70 15.83
C TYR A 82 9.39 19.42 17.26
N GLU A 83 8.42 18.97 18.04
CA GLU A 83 8.70 18.42 19.34
C GLU A 83 8.02 17.05 19.41
N VAL A 84 8.74 16.03 19.87
CA VAL A 84 8.16 14.69 19.91
C VAL A 84 7.82 14.26 21.33
N HIS A 85 6.63 13.70 21.51
CA HIS A 85 6.32 13.03 22.78
C HIS A 85 5.61 11.71 22.53
N LEU A 86 5.55 10.88 23.56
CA LEU A 86 4.93 9.57 23.50
C LEU A 86 3.51 9.64 23.96
N VAL A 87 2.64 8.86 23.33
CA VAL A 87 1.22 8.94 23.64
C VAL A 87 0.98 8.60 25.13
N ALA A 88 0.23 9.46 25.82
CA ALA A 88 0.12 9.36 27.27
C ALA A 88 -0.45 8.00 27.71
N ASP A 89 -1.51 7.52 27.08
CA ASP A 89 -2.09 6.26 27.52
C ASP A 89 -1.42 5.05 26.84
N GLY A 90 -0.37 5.31 26.06
CA GLY A 90 0.40 4.25 25.46
C GLY A 90 -0.39 3.47 24.43
N LYS A 91 -1.38 4.11 23.84
CA LYS A 91 -2.25 3.43 22.88
C LYS A 91 -2.24 4.01 21.47
N PHE A 92 -2.45 3.13 20.50
CA PHE A 92 -2.64 3.51 19.13
C PHE A 92 -3.92 4.31 18.96
N GLY A 93 -5.05 3.70 19.32
CA GLY A 93 -6.28 4.45 19.31
C GLY A 93 -7.46 3.75 18.66
N THR A 94 -8.51 3.60 19.45
CA THR A 94 -9.82 3.23 18.94
C THR A 94 -10.85 4.20 19.49
N GLN A 95 -12.08 4.08 19.00
CA GLN A 95 -13.17 4.93 19.41
C GLN A 95 -14.05 4.12 20.35
N GLU A 96 -14.19 4.56 21.60
CA GLU A 96 -15.03 3.88 22.59
C GLU A 96 -16.17 4.77 23.05
N ARG A 97 -17.25 4.13 23.51
CA ARG A 97 -18.36 4.89 24.06
C ARG A 97 -17.98 5.44 25.43
N VAL A 98 -18.26 6.71 25.62
CA VAL A 98 -18.04 7.35 26.88
C VAL A 98 -19.15 6.88 27.79
N ASN A 99 -18.84 6.41 28.98
CA ASN A 99 -19.87 6.20 29.97
C ASN A 99 -19.37 6.49 31.37
N SER A 101 -23.15 5.28 27.52
CA SER A 101 -23.84 6.55 27.70
C SER A 101 -24.35 7.06 26.35
N ASN A 102 -23.63 7.98 25.72
CA ASN A 102 -24.01 8.43 24.37
C ASN A 102 -22.80 8.84 23.54
N LYS A 103 -22.01 9.79 24.05
CA LYS A 103 -20.80 10.25 23.39
C LYS A 103 -19.81 9.12 23.07
N LYS A 104 -19.03 9.31 22.01
CA LYS A 104 -17.95 8.40 21.67
C LYS A 104 -16.69 9.21 21.81
N GLU A 105 -15.56 8.56 22.06
CA GLU A 105 -14.31 9.30 22.08
C GLU A 105 -13.17 8.42 21.65
N TRP A 106 -12.18 9.04 21.01
CA TRP A 106 -10.97 8.35 20.61
C TRP A 106 -9.90 8.41 21.70
N ASN A 107 -9.38 7.25 22.09
CA ASN A 107 -8.21 7.18 22.95
C ASN A 107 -6.94 7.13 22.10
N GLY A 108 -5.82 6.86 22.77
CA GLY A 108 -4.57 6.65 22.08
C GLY A 108 -4.06 7.82 21.27
N MET A 109 -3.22 7.54 20.28
CA MET A 109 -2.64 8.61 19.48
C MET A 109 -3.73 9.36 18.75
N MET A 110 -4.76 8.62 18.35
CA MET A 110 -5.90 9.19 17.66
C MET A 110 -6.58 10.29 18.47
N GLY A 111 -6.66 10.09 19.79
CA GLY A 111 -7.34 11.04 20.64
C GLY A 111 -6.51 12.30 20.81
N GLU A 112 -5.21 12.11 20.94
CA GLU A 112 -4.32 13.22 21.12
C GLU A 112 -4.31 14.15 19.91
N LEU A 113 -4.35 13.57 18.71
CA LEU A 113 -4.36 14.36 17.47
C LEU A 113 -5.63 15.18 17.35
N LEU A 114 -6.76 14.55 17.63
CA LEU A 114 -8.07 15.19 17.50
C LEU A 114 -8.28 16.30 18.54
N SER A 115 -7.69 16.12 19.72
CA SER A 115 -7.81 17.08 20.82
C SER A 115 -6.93 18.31 20.61
N GLY A 116 -5.79 18.13 19.96
CA GLY A 116 -4.86 19.22 19.77
C GLY A 116 -3.53 18.99 20.46
N GLN A 117 -3.47 17.98 21.33
CA GLN A 117 -2.24 17.70 22.05
C GLN A 117 -1.13 17.26 21.09
N ALA A 118 -1.54 16.79 19.90
CA ALA A 118 -0.60 16.52 18.83
C ALA A 118 -1.10 17.13 17.54
N ASP A 119 -0.15 17.48 16.68
CA ASP A 119 -0.46 18.00 15.37
C ASP A 119 -0.26 16.95 14.31
N MET A 120 0.56 15.97 14.63
CA MET A 120 0.86 14.93 13.69
C MET A 120 1.23 13.65 14.39
N ILE A 121 0.66 12.55 13.90
CA ILE A 121 1.03 11.22 14.33
C ILE A 121 2.02 10.60 13.37
N VAL A 122 3.22 10.37 13.87
CA VAL A 122 4.25 9.66 13.11
C VAL A 122 4.54 8.36 13.84
N ALA A 123 4.09 7.24 13.27
CA ALA A 123 4.08 5.96 13.94
C ALA A 123 3.56 4.89 13.02
N PRO A 124 3.83 3.61 13.33
CA PRO A 124 3.18 2.51 12.60
C PRO A 124 1.66 2.51 12.75
N LEU A 125 1.01 3.55 12.20
CA LEU A 125 -0.43 3.76 12.35
C LEU A 125 -1.23 3.18 11.18
N THR A 126 -1.99 2.14 11.48
CA THR A 126 -2.72 1.42 10.47
C THR A 126 -3.89 2.23 9.91
N ILE A 127 -4.08 2.13 8.60
CA ILE A 127 -5.11 2.88 7.92
C ILE A 127 -6.40 2.05 7.85
N ASN A 128 -7.50 2.60 8.32
CA ASN A 128 -8.78 1.90 8.17
C ASN A 128 -9.94 2.88 8.01
N ASN A 129 -11.11 2.35 7.67
CA ASN A 129 -12.26 3.21 7.49
C ASN A 129 -12.57 4.03 8.75
N GLU A 130 -12.57 3.38 9.92
CA GLU A 130 -12.92 4.04 11.18
C GLU A 130 -12.07 5.28 11.46
N ARG A 131 -10.76 5.14 11.45
CA ARG A 131 -9.90 6.29 11.70
C ARG A 131 -9.98 7.32 10.58
N ALA A 132 -10.07 6.85 9.33
CA ALA A 132 -10.07 7.77 8.20
C ALA A 132 -11.33 8.63 8.19
N GLN A 133 -12.36 8.21 8.92
CA GLN A 133 -13.58 8.99 9.03
CA GLN A 133 -13.58 8.99 9.04
C GLN A 133 -13.32 10.32 9.74
N TYR A 134 -12.32 10.31 10.62
CA TYR A 134 -12.05 11.42 11.50
C TYR A 134 -10.74 12.13 11.22
N ILE A 135 -9.75 11.41 10.72
CA ILE A 135 -8.47 12.03 10.45
C ILE A 135 -8.08 11.88 8.98
N GLU A 136 -6.96 12.47 8.60
CA GLU A 136 -6.48 12.29 7.24
C GLU A 136 -5.11 11.63 7.24
N PHE A 137 -5.02 10.49 6.54
CA PHE A 137 -3.76 9.76 6.39
C PHE A 137 -2.96 10.21 5.21
N SER A 138 -1.64 10.21 5.34
CA SER A 138 -0.80 10.33 4.15
C SER A 138 -0.97 9.07 3.31
N LYS A 139 -0.42 9.08 2.09
CA LYS A 139 -0.28 7.84 1.34
C LYS A 139 0.65 6.97 2.18
N PRO A 140 0.51 5.64 2.10
CA PRO A 140 1.25 4.69 2.96
C PRO A 140 2.77 4.75 2.82
N PHE A 141 3.46 4.88 3.95
CA PHE A 141 4.91 4.82 3.93
C PHE A 141 5.34 3.38 4.15
N LYS A 142 4.38 2.50 4.38
CA LYS A 142 4.73 1.12 4.63
C LYS A 142 3.54 0.21 4.31
N TYR A 143 3.70 -0.66 3.31
CA TYR A 143 2.74 -1.72 3.01
C TYR A 143 3.14 -2.98 3.73
N GLN A 144 2.18 -3.59 4.41
CA GLN A 144 2.45 -4.75 5.24
C GLN A 144 1.14 -5.51 5.40
N GLY A 145 1.01 -6.29 6.47
CA GLY A 145 -0.26 -6.91 6.80
C GLY A 145 -0.33 -7.46 8.21
N LEU A 146 -1.36 -8.29 8.46
CA LEU A 146 -1.47 -9.01 9.74
C LEU A 146 -1.03 -10.46 9.61
N THR A 147 -0.31 -10.92 10.61
CA THR A 147 0.08 -12.31 10.68
C THR A 147 -0.05 -12.74 12.13
N ILE A 148 0.49 -13.92 12.46
CA ILE A 148 0.39 -14.48 13.80
C ILE A 148 1.74 -14.91 14.34
N LEU A 149 2.11 -14.43 15.52
CA LEU A 149 3.37 -14.86 16.16
C LEU A 149 3.13 -15.97 17.18
N VAL A 150 4.04 -16.94 17.23
CA VAL A 150 3.95 -18.05 18.20
C VAL A 150 5.35 -18.44 18.69
N LYS A 151 5.40 -19.30 19.71
CA LYS A 151 6.68 -19.87 20.10
C LYS A 151 7.00 -21.11 19.26
N LYS A 152 8.27 -21.24 18.88
CA LYS A 152 8.72 -22.25 17.90
C LYS A 152 8.07 -23.65 17.97
N GLY A 153 7.93 -24.20 19.16
CA GLY A 153 7.32 -25.51 19.29
C GLY A 153 5.88 -25.59 18.81
N THR A 154 5.18 -24.46 18.77
CA THR A 154 3.78 -24.43 18.35
C THR A 154 3.63 -24.47 16.83
N ARG A 155 2.66 -25.26 16.37
CA ARG A 155 2.31 -25.22 14.97
C ARG A 155 0.78 -25.05 14.80
N ILE A 156 0.40 -24.08 13.97
CA ILE A 156 -0.98 -23.90 13.56
C ILE A 156 -0.97 -23.56 12.09
N THR A 157 -2.04 -23.93 11.39
CA THR A 157 -2.15 -23.64 9.96
C THR A 157 -2.11 -22.12 9.72
N GLY A 158 -2.89 -21.39 10.49
CA GLY A 158 -2.96 -19.95 10.35
C GLY A 158 -4.17 -19.39 11.07
N ILE A 159 -4.71 -18.29 10.57
CA ILE A 159 -5.84 -17.62 11.21
C ILE A 159 -7.11 -18.47 11.18
N ASN A 160 -7.05 -19.62 10.50
CA ASN A 160 -8.22 -20.47 10.30
C ASN A 160 -8.16 -21.78 11.06
N ASP A 161 -7.02 -22.04 11.71
CA ASP A 161 -6.84 -23.16 12.63
C ASP A 161 -8.01 -23.26 13.63
N PRO A 162 -8.51 -24.49 13.86
CA PRO A 162 -9.58 -24.79 14.82
C PRO A 162 -9.40 -24.13 16.19
N ARG A 163 -8.18 -24.14 16.72
CA ARG A 163 -7.90 -23.51 18.00
C ARG A 163 -8.07 -21.97 18.01
N LEU A 164 -8.04 -21.36 16.83
CA LEU A 164 -8.23 -19.92 16.72
C LEU A 164 -9.70 -19.58 16.49
N ARG A 165 -10.34 -20.30 15.56
CA ARG A 165 -11.70 -19.97 15.19
C ARG A 165 -12.69 -20.60 16.17
N ASN A 166 -12.22 -21.58 16.94
CA ASN A 166 -13.05 -22.24 17.93
C ASN A 166 -12.33 -22.26 19.28
N PRO A 167 -12.26 -21.08 19.93
CA PRO A 167 -11.39 -20.84 21.08
C PRO A 167 -11.78 -21.56 22.37
N SER A 168 -10.77 -21.86 23.17
CA SER A 168 -10.95 -22.37 24.52
C SER A 168 -9.70 -22.02 25.32
N ASP A 169 -9.85 -21.74 26.62
CA ASP A 169 -8.70 -21.32 27.45
C ASP A 169 -7.54 -22.33 27.53
N LYS A 170 -7.68 -23.45 26.81
CA LYS A 170 -6.60 -24.41 26.69
C LYS A 170 -5.59 -23.92 25.66
N PHE A 171 -6.03 -23.06 24.74
CA PHE A 171 -5.12 -22.40 23.81
C PHE A 171 -5.45 -20.91 23.73
N ILE A 172 -4.53 -20.09 24.22
CA ILE A 172 -4.82 -18.68 24.44
C ILE A 172 -4.04 -17.72 23.52
N TYR A 173 -4.79 -16.89 22.79
CA TYR A 173 -4.17 -15.90 21.92
C TYR A 173 -4.71 -14.49 22.17
N ALA A 174 -3.88 -13.48 21.96
CA ALA A 174 -4.29 -12.10 22.17
C ALA A 174 -3.79 -11.13 21.10
N THR A 175 -4.33 -9.91 21.13
CA THR A 175 -3.78 -8.78 20.37
C THR A 175 -3.49 -7.59 21.31
N VAL A 176 -3.16 -6.42 20.75
CA VAL A 176 -2.96 -5.23 21.57
C VAL A 176 -4.30 -4.54 21.78
N LYS A 177 -4.60 -4.11 23.01
CA LYS A 177 -5.82 -3.36 23.29
C LYS A 177 -5.84 -2.00 22.57
N GLN A 178 -7.01 -1.60 22.09
CA GLN A 178 -7.21 -0.28 21.54
C GLN A 178 -6.27 -0.10 20.37
N SER A 179 -6.15 -1.17 19.59
CA SER A 179 -5.35 -1.16 18.39
C SER A 179 -6.26 -1.35 17.16
N SER A 180 -5.65 -1.28 15.99
CA SER A 180 -6.38 -1.52 14.76
C SER A 180 -6.81 -2.99 14.67
N VAL A 181 -5.96 -3.87 15.19
CA VAL A 181 -6.31 -5.28 15.19
C VAL A 181 -7.51 -5.54 16.09
N ASP A 182 -7.60 -4.75 17.15
CA ASP A 182 -8.76 -4.85 18.02
C ASP A 182 -10.05 -4.48 17.25
N ILE A 183 -10.11 -3.27 16.71
CA ILE A 183 -11.16 -2.87 15.76
C ILE A 183 -11.53 -3.95 14.75
N TYR A 184 -10.50 -4.52 14.14
CA TYR A 184 -10.68 -5.56 13.12
C TYR A 184 -11.62 -6.67 13.63
N PHE A 185 -11.29 -7.26 14.77
CA PHE A 185 -12.03 -8.42 15.25
C PHE A 185 -13.37 -8.12 15.86
N ARG A 186 -13.56 -6.89 16.30
CA ARG A 186 -14.84 -6.49 16.86
C ARG A 186 -15.85 -6.15 15.74
N ARG A 187 -15.36 -5.79 14.58
CA ARG A 187 -16.13 -5.32 13.43
C ARG A 187 -17.07 -6.29 12.71
N GLN A 188 -16.73 -7.56 12.71
CA GLN A 188 -17.51 -8.57 12.03
C GLN A 188 -18.17 -9.54 13.00
N VAL A 189 -19.48 -9.58 12.96
CA VAL A 189 -20.25 -10.49 13.81
C VAL A 189 -19.66 -11.87 13.77
N GLU A 190 -19.17 -12.22 12.61
CA GLU A 190 -18.64 -13.56 12.36
C GLU A 190 -17.32 -13.79 13.08
N LEU A 191 -16.70 -12.71 13.55
CA LEU A 191 -15.43 -12.86 14.26
C LEU A 191 -15.62 -12.72 15.76
N SER A 192 -16.88 -12.77 16.20
CA SER A 192 -17.23 -12.34 17.56
C SER A 192 -16.69 -13.25 18.66
N THR A 193 -16.71 -14.57 18.45
CA THR A 193 -16.26 -15.49 19.48
C THR A 193 -14.74 -15.41 19.67
N MET A 194 -14.01 -15.25 18.57
CA MET A 194 -12.59 -14.95 18.66
C MET A 194 -12.38 -13.66 19.48
N TYR A 195 -13.19 -12.63 19.18
CA TYR A 195 -13.03 -11.34 19.84
C TYR A 195 -13.34 -11.43 21.32
N ARG A 196 -14.28 -12.29 21.69
CA ARG A 196 -14.66 -12.42 23.09
C ARG A 196 -13.59 -13.22 23.85
N HIS A 197 -12.91 -14.12 23.16
CA HIS A 197 -11.75 -14.81 23.72
C HIS A 197 -10.54 -13.87 23.90
N MET A 198 -10.30 -13.00 22.91
CA MET A 198 -9.15 -12.09 22.96
C MET A 198 -9.34 -11.05 24.04
N GLU A 199 -10.59 -10.63 24.23
CA GLU A 199 -10.93 -9.63 25.22
C GLU A 199 -10.41 -9.92 26.63
N LYS A 200 -10.25 -11.20 26.95
CA LYS A 200 -9.80 -11.59 28.28
C LYS A 200 -8.28 -11.64 28.36
N HIS A 201 -7.61 -11.51 27.23
CA HIS A 201 -6.18 -11.76 27.20
C HIS A 201 -5.39 -10.66 26.55
N ASN A 202 -6.09 -9.66 26.00
CA ASN A 202 -5.46 -8.56 25.28
C ASN A 202 -4.47 -7.73 26.16
N TYR A 203 -3.27 -7.46 25.63
CA TYR A 203 -2.21 -6.76 26.37
C TYR A 203 -2.15 -5.26 26.12
N GLU A 204 -1.39 -4.55 26.93
CA GLU A 204 -1.36 -3.09 26.89
C GLU A 204 -0.36 -2.56 25.85
N SER A 205 0.67 -3.36 25.58
CA SER A 205 1.67 -3.00 24.59
C SER A 205 2.10 -4.26 23.84
N ALA A 206 2.54 -4.11 22.60
CA ALA A 206 2.98 -5.24 21.81
C ALA A 206 4.21 -5.87 22.48
N ALA A 207 5.07 -5.02 23.03
CA ALA A 207 6.26 -5.48 23.76
C ALA A 207 5.90 -6.50 24.83
N GLU A 208 4.94 -6.15 25.68
CA GLU A 208 4.45 -7.09 26.70
C GLU A 208 3.87 -8.37 26.11
N ALA A 209 3.15 -8.26 25.00
CA ALA A 209 2.54 -9.42 24.35
C ALA A 209 3.62 -10.32 23.72
N ILE A 210 4.64 -9.70 23.16
CA ILE A 210 5.74 -10.47 22.59
C ILE A 210 6.49 -11.15 23.73
N GLN A 211 6.67 -10.44 24.83
CA GLN A 211 7.33 -11.02 25.99
C GLN A 211 6.52 -12.19 26.54
N ALA A 212 5.21 -12.03 26.59
CA ALA A 212 4.36 -13.07 27.16
C ALA A 212 4.31 -14.32 26.26
N VAL A 213 4.72 -14.16 25.00
CA VAL A 213 4.82 -15.30 24.11
C VAL A 213 6.11 -16.09 24.38
N ARG A 214 7.22 -15.40 24.65
CA ARG A 214 8.48 -16.09 24.99
C ARG A 214 8.35 -16.92 26.27
N ASP A 215 7.61 -16.39 27.25
CA ASP A 215 7.43 -17.04 28.55
C ASP A 215 6.34 -18.09 28.53
N ASN A 216 5.80 -18.36 27.34
CA ASN A 216 4.68 -19.29 27.15
C ASN A 216 3.43 -18.88 27.95
N LYS A 217 3.41 -17.65 28.43
CA LYS A 217 2.23 -17.12 29.10
C LYS A 217 1.19 -16.77 28.03
N LEU A 218 1.65 -16.46 26.82
CA LEU A 218 0.76 -16.26 25.67
C LEU A 218 1.12 -17.27 24.57
N HIS A 219 0.10 -17.84 23.94
CA HIS A 219 0.34 -18.87 22.93
C HIS A 219 0.44 -18.31 21.51
N ALA A 220 -0.46 -17.39 21.17
CA ALA A 220 -0.39 -16.70 19.88
C ALA A 220 -0.62 -15.19 20.03
N PHE A 221 0.16 -14.41 19.28
CA PHE A 221 0.03 -12.96 19.23
C PHE A 221 -0.34 -12.54 17.79
N ILE A 222 -1.56 -12.05 17.62
CA ILE A 222 -2.04 -11.56 16.32
C ILE A 222 -1.73 -10.07 16.17
N TRP A 223 -0.88 -9.71 15.21
CA TRP A 223 -0.32 -8.37 15.15
C TRP A 223 0.33 -8.06 13.79
N ASP A 224 0.83 -6.84 13.64
CA ASP A 224 1.50 -6.39 12.41
C ASP A 224 2.68 -7.24 11.99
N SER A 225 2.68 -7.72 10.75
CA SER A 225 3.78 -8.50 10.21
C SER A 225 5.10 -7.74 10.16
N ALA A 226 5.06 -6.45 9.80
CA ALA A 226 6.24 -5.59 9.82
C ALA A 226 6.97 -5.68 11.14
N VAL A 227 6.19 -5.61 12.23
CA VAL A 227 6.71 -5.76 13.58
C VAL A 227 7.06 -7.21 13.94
N LEU A 228 6.11 -8.12 13.71
CA LEU A 228 6.26 -9.49 14.17
C LEU A 228 7.39 -10.22 13.46
N GLU A 229 7.59 -9.96 12.18
CA GLU A 229 8.65 -10.64 11.43
C GLU A 229 10.03 -10.06 11.76
N PHE A 230 10.05 -8.87 12.33
CA PHE A 230 11.32 -8.31 12.81
C PHE A 230 11.73 -8.98 14.12
N GLU A 231 10.73 -9.37 14.92
CA GLU A 231 11.02 -10.01 16.19
C GLU A 231 11.42 -11.47 16.01
N ALA A 232 10.70 -12.17 15.14
CA ALA A 232 11.06 -13.54 14.79
C ALA A 232 12.44 -13.56 14.17
N SER A 233 12.82 -12.41 13.62
CA SER A 233 14.09 -12.21 12.97
C SER A 233 15.25 -12.19 13.95
N GLN A 234 15.00 -11.79 15.18
CA GLN A 234 16.10 -11.64 16.12
C GLN A 234 15.88 -12.49 17.38
N LYS A 235 14.64 -12.54 17.84
CA LYS A 235 14.30 -13.47 18.90
C LYS A 235 14.00 -14.81 18.23
N CYS A 236 15.06 -15.57 17.96
CA CYS A 236 14.93 -16.78 17.16
C CYS A 236 14.27 -17.96 17.88
N ASP A 237 13.65 -17.69 19.03
CA ASP A 237 12.84 -18.71 19.67
C ASP A 237 11.36 -18.49 19.36
N LEU A 238 11.07 -17.36 18.73
CA LEU A 238 9.73 -17.08 18.21
C LEU A 238 9.73 -17.17 16.69
N VAL A 239 8.58 -17.53 16.12
CA VAL A 239 8.37 -17.60 14.67
C VAL A 239 6.98 -17.12 14.27
N THR A 240 6.82 -16.69 13.03
CA THR A 240 5.50 -16.35 12.51
C THR A 240 4.87 -17.49 11.74
N THR A 241 3.56 -17.60 11.86
CA THR A 241 2.75 -18.43 10.99
C THR A 241 1.68 -17.57 10.35
N GLY A 242 1.86 -17.30 9.06
CA GLY A 242 2.95 -17.85 8.29
C GLY A 242 3.62 -16.92 7.27
N GLU A 243 2.98 -16.38 6.22
CA GLU A 243 1.53 -16.21 5.88
C GLU A 243 0.95 -14.91 6.47
N LEU A 244 0.67 -13.96 5.58
CA LEU A 244 -0.23 -12.85 5.86
C LEU A 244 -1.63 -13.34 5.63
N PHE A 245 -2.57 -12.89 6.44
CA PHE A 245 -3.96 -13.27 6.21
C PHE A 245 -4.80 -12.03 5.98
N PHE A 246 -4.12 -10.89 5.98
CA PHE A 246 -4.76 -9.62 5.76
C PHE A 246 -3.71 -8.59 5.40
N ARG A 247 -3.97 -7.84 4.34
CA ARG A 247 -3.09 -6.74 3.95
C ARG A 247 -3.48 -5.48 4.65
N SER A 248 -2.49 -4.70 5.06
CA SER A 248 -2.77 -3.37 5.61
C SER A 248 -1.53 -2.47 5.55
N GLY A 249 -1.72 -1.17 5.77
CA GLY A 249 -0.60 -0.24 5.67
C GLY A 249 -0.54 0.86 6.69
N PHE A 250 0.67 1.37 6.92
CA PHE A 250 0.90 2.50 7.81
C PHE A 250 0.95 3.83 7.07
N GLY A 251 0.36 4.86 7.65
CA GLY A 251 0.53 6.21 7.12
C GLY A 251 0.60 7.22 8.24
N ILE A 252 1.06 8.42 7.90
CA ILE A 252 1.16 9.55 8.81
C ILE A 252 -0.21 10.11 9.13
N GLY A 253 -0.49 10.34 10.42
CA GLY A 253 -1.74 10.94 10.83
C GLY A 253 -1.65 12.44 10.89
N MET A 254 -2.60 13.12 10.26
CA MET A 254 -2.77 14.56 10.39
C MET A 254 -4.26 14.79 10.52
N ARG A 255 -4.68 15.97 10.97
CA ARG A 255 -6.11 16.22 11.16
C ARG A 255 -6.73 16.76 9.86
N LYS A 256 -8.06 16.74 9.78
CA LYS A 256 -8.75 16.95 8.51
C LYS A 256 -8.42 18.25 7.77
N ASP A 257 -7.76 19.20 8.44
CA ASP A 257 -7.43 20.46 7.78
C ASP A 257 -6.72 20.13 6.44
N SER A 258 -5.43 19.79 6.35
CA SER A 258 -4.30 20.30 7.11
C SER A 258 -3.41 20.83 6.01
N PRO A 259 -2.69 21.93 6.27
CA PRO A 259 -1.82 22.48 5.22
C PRO A 259 -0.74 21.48 4.76
N TRP A 260 -0.13 20.80 5.74
CA TRP A 260 0.96 19.87 5.50
C TRP A 260 0.54 18.62 4.74
N LYS A 261 -0.76 18.32 4.72
CA LYS A 261 -1.21 16.99 4.30
C LYS A 261 -0.76 16.63 2.88
N GLN A 262 -0.91 17.56 1.95
CA GLN A 262 -0.62 17.21 0.56
C GLN A 262 0.87 17.03 0.35
N ASN A 263 1.68 17.90 0.94
CA ASN A 263 3.11 17.83 0.74
C ASN A 263 3.74 16.66 1.53
N VAL A 264 3.09 16.24 2.63
CA VAL A 264 3.57 15.08 3.36
C VAL A 264 3.42 13.82 2.50
N SER A 265 2.28 13.68 1.82
CA SER A 265 2.10 12.56 0.88
C SER A 265 3.13 12.54 -0.25
N LEU A 266 3.35 13.70 -0.86
CA LEU A 266 4.26 13.77 -1.99
C LEU A 266 5.62 13.30 -1.57
N SER A 267 6.00 13.66 -0.35
CA SER A 267 7.32 13.29 0.15
CA SER A 267 7.31 13.28 0.19
C SER A 267 7.44 11.77 0.37
N ILE A 268 6.39 11.16 0.88
CA ILE A 268 6.36 9.73 1.13
C ILE A 268 6.47 8.99 -0.20
N LEU A 269 5.68 9.42 -1.19
CA LEU A 269 5.77 8.89 -2.54
C LEU A 269 7.21 9.00 -3.08
N LYS A 270 7.79 10.18 -2.90
CA LYS A 270 9.14 10.45 -3.39
C LYS A 270 10.13 9.47 -2.78
N SER A 271 9.99 9.26 -1.47
CA SER A 271 10.90 8.40 -0.75
C SER A 271 10.74 6.91 -1.08
N HIS A 272 9.56 6.48 -1.51
CA HIS A 272 9.39 5.11 -2.00
C HIS A 272 10.15 5.00 -3.30
N GLU A 273 9.89 5.98 -4.16
CA GLU A 273 10.39 5.99 -5.53
C GLU A 273 11.90 6.10 -5.67
N ASN A 274 12.54 6.92 -4.82
CA ASN A 274 13.97 7.15 -4.95
C ASN A 274 14.84 6.23 -4.10
N GLY A 275 14.24 5.32 -3.35
CA GLY A 275 15.02 4.37 -2.57
C GLY A 275 15.12 4.63 -1.07
N PHE A 276 14.71 5.81 -0.61
CA PHE A 276 14.79 6.13 0.82
C PHE A 276 14.04 5.11 1.69
N MET A 277 12.77 4.86 1.38
CA MET A 277 12.00 3.92 2.19
C MET A 277 12.64 2.53 2.13
N GLU A 278 13.22 2.19 0.99
CA GLU A 278 13.85 0.90 0.84
C GLU A 278 15.06 0.82 1.75
N ASP A 279 15.75 1.95 1.90
CA ASP A 279 16.92 2.02 2.77
C ASP A 279 16.55 1.92 4.27
N LEU A 280 15.50 2.60 4.68
CA LEU A 280 15.03 2.50 6.04
C LEU A 280 14.72 1.05 6.36
N ASP A 281 14.13 0.34 5.39
CA ASP A 281 13.86 -1.07 5.57
C ASP A 281 15.09 -1.83 5.95
N LYS A 282 16.16 -1.57 5.20
CA LYS A 282 17.39 -2.32 5.36
C LYS A 282 18.18 -1.86 6.59
N THR A 283 17.96 -0.61 7.02
CA THR A 283 18.57 -0.10 8.24
C THR A 283 17.87 -0.61 9.51
N TRP A 284 16.57 -0.92 9.43
CA TRP A 284 15.80 -1.18 10.64
C TRP A 284 15.03 -2.50 10.65
N VAL A 285 14.74 -3.04 9.46
CA VAL A 285 14.12 -4.35 9.35
C VAL A 285 15.10 -5.35 8.74
N ASP B 3 -24.27 15.82 -12.57
CA ASP B 3 -23.55 16.12 -11.35
C ASP B 3 -23.51 14.89 -10.42
N ASN B 4 -24.38 13.94 -10.73
CA ASN B 4 -24.37 12.63 -10.09
C ASN B 4 -24.00 11.61 -11.15
N HIS B 5 -23.92 12.09 -12.39
CA HIS B 5 -23.52 11.28 -13.53
C HIS B 5 -22.10 11.60 -13.97
N LEU B 6 -21.22 10.61 -13.90
CA LEU B 6 -19.78 10.85 -14.05
C LEU B 6 -19.17 10.23 -15.30
N SER B 7 -18.45 11.04 -16.07
CA SER B 7 -17.64 10.48 -17.13
C SER B 7 -16.41 9.85 -16.48
N ILE B 8 -16.21 8.55 -16.71
CA ILE B 8 -15.06 7.84 -16.18
C ILE B 8 -14.27 7.17 -17.30
N VAL B 9 -12.94 7.29 -17.24
CA VAL B 9 -12.03 6.70 -18.24
C VAL B 9 -11.27 5.48 -17.73
N THR B 10 -10.99 4.53 -18.61
CA THR B 10 -10.28 3.33 -18.17
C THR B 10 -9.37 2.82 -19.30
N LEU B 11 -8.70 1.70 -19.05
CA LEU B 11 -7.73 1.18 -20.01
C LEU B 11 -7.61 -0.31 -19.81
N GLU B 12 -7.38 -1.06 -20.89
CA GLU B 12 -7.38 -2.51 -20.74
C GLU B 12 -6.03 -3.04 -20.27
N GLU B 13 -6.07 -3.85 -19.24
CA GLU B 13 -4.89 -4.52 -18.73
C GLU B 13 -5.40 -5.61 -17.77
N ALA B 14 -5.30 -6.86 -18.20
CA ALA B 14 -5.84 -7.97 -17.44
C ALA B 14 -5.01 -8.20 -16.19
N PRO B 15 -5.67 -8.56 -15.07
CA PRO B 15 -7.10 -8.84 -15.00
C PRO B 15 -7.90 -7.68 -14.44
N PHE B 16 -7.33 -6.49 -14.48
CA PHE B 16 -7.93 -5.36 -13.77
C PHE B 16 -9.02 -4.76 -14.60
N VAL B 17 -8.78 -4.69 -15.90
CA VAL B 17 -9.79 -4.25 -16.84
C VAL B 17 -9.60 -5.12 -18.06
N ILE B 18 -10.67 -5.77 -18.50
CA ILE B 18 -10.65 -6.69 -19.64
C ILE B 18 -11.78 -6.28 -20.57
N VAL B 19 -11.51 -6.17 -21.88
CA VAL B 19 -12.54 -5.72 -22.80
C VAL B 19 -12.99 -6.84 -23.73
N GLU B 20 -14.31 -6.94 -23.90
CA GLU B 20 -14.92 -7.94 -24.75
C GLU B 20 -15.91 -7.29 -25.70
N ASP B 21 -16.08 -7.87 -26.88
CA ASP B 21 -17.03 -7.36 -27.86
C ASP B 21 -18.46 -7.67 -27.41
N ILE B 22 -19.39 -6.83 -27.84
CA ILE B 22 -20.74 -6.83 -27.29
C ILE B 22 -21.70 -7.79 -28.00
N GLU B 27 -25.51 -4.15 -28.89
CA GLU B 27 -26.72 -4.66 -28.27
C GLU B 27 -26.65 -4.48 -26.76
N THR B 28 -26.42 -5.55 -26.02
CA THR B 28 -26.29 -5.44 -24.57
C THR B 28 -25.05 -6.12 -24.05
N CYS B 29 -24.49 -5.56 -22.99
CA CYS B 29 -23.40 -6.21 -22.28
C CYS B 29 -24.00 -7.21 -21.32
N VAL B 30 -23.51 -8.44 -21.37
CA VAL B 30 -24.16 -9.56 -20.69
C VAL B 30 -23.93 -9.56 -19.19
N ARG B 31 -23.57 -10.71 -18.62
CA ARG B 31 -23.40 -10.83 -17.18
C ARG B 31 -22.10 -10.21 -16.72
N ASN B 32 -22.07 -9.80 -15.46
CA ASN B 32 -20.91 -9.17 -14.77
C ASN B 32 -20.03 -8.17 -15.55
N THR B 33 -20.41 -7.81 -16.79
CA THR B 33 -19.70 -6.77 -17.53
C THR B 33 -20.49 -5.48 -17.45
N VAL B 34 -19.83 -4.37 -17.76
CA VAL B 34 -20.53 -3.10 -17.89
C VAL B 34 -20.24 -2.52 -19.27
N PRO B 35 -21.05 -1.53 -19.70
CA PRO B 35 -20.79 -0.82 -20.96
C PRO B 35 -19.60 0.12 -20.90
N CYS B 36 -18.68 -0.04 -21.85
CA CYS B 36 -17.64 0.94 -22.06
C CYS B 36 -17.45 1.25 -23.53
N ARG B 37 -17.56 2.53 -23.88
CA ARG B 37 -17.38 2.96 -25.26
C ARG B 37 -15.90 3.25 -25.59
N LYS B 38 -15.52 2.98 -26.83
CA LYS B 38 -14.19 3.33 -27.30
C LYS B 38 -14.27 4.09 -28.61
N PHE B 39 -13.62 5.25 -28.65
CA PHE B 39 -13.67 6.11 -29.82
C PHE B 39 -12.66 5.61 -30.85
N VAL B 40 -13.16 5.12 -31.97
CA VAL B 40 -12.31 4.54 -33.02
C VAL B 40 -12.38 5.43 -34.26
N LYS B 41 -11.22 5.85 -34.76
CA LYS B 41 -11.18 6.75 -35.90
C LYS B 41 -11.60 6.06 -37.21
N ILE B 42 -12.11 6.88 -38.12
CA ILE B 42 -12.52 6.39 -39.42
C ILE B 42 -11.28 6.18 -40.27
N ASN B 43 -10.37 7.14 -40.26
CA ASN B 43 -9.06 6.92 -40.88
C ASN B 43 -7.98 7.77 -40.23
N ASN B 44 -6.73 7.61 -40.67
CA ASN B 44 -5.60 8.21 -39.96
C ASN B 44 -5.30 9.61 -40.43
N SER B 45 -6.24 10.16 -41.18
CA SER B 45 -6.04 11.43 -41.85
C SER B 45 -7.27 12.28 -41.58
N THR B 46 -7.96 11.94 -40.50
CA THR B 46 -9.13 12.69 -40.05
C THR B 46 -9.27 12.60 -38.53
N ASN B 47 -9.86 13.63 -37.94
CA ASN B 47 -10.26 13.59 -36.54
C ASN B 47 -11.56 12.84 -36.38
N GLU B 48 -12.20 12.55 -37.52
CA GLU B 48 -13.46 11.82 -37.56
C GLU B 48 -13.36 10.47 -36.89
N GLY B 49 -14.36 10.15 -36.09
CA GLY B 49 -14.44 8.83 -35.50
C GLY B 49 -15.84 8.46 -35.05
N MET B 50 -15.93 7.35 -34.34
CA MET B 50 -17.19 6.72 -33.94
C MET B 50 -16.99 5.95 -32.66
N ASN B 51 -17.90 6.11 -31.69
CA ASN B 51 -17.86 5.27 -30.51
C ASN B 51 -18.36 3.88 -30.76
N VAL B 52 -17.49 2.91 -30.56
CA VAL B 52 -17.84 1.51 -30.61
C VAL B 52 -18.21 1.07 -29.21
N LYS B 53 -19.35 0.39 -29.09
CA LYS B 53 -19.86 -0.08 -27.80
C LYS B 53 -19.21 -1.42 -27.44
N LYS B 54 -18.50 -1.48 -26.32
CA LYS B 54 -17.86 -2.71 -25.91
C LYS B 54 -18.14 -3.04 -24.45
N CYS B 55 -17.55 -4.11 -23.94
CA CYS B 55 -17.93 -4.58 -22.60
C CYS B 55 -16.74 -4.80 -21.70
N CYS B 56 -16.83 -4.20 -20.52
CA CYS B 56 -15.70 -4.16 -19.59
C CYS B 56 -15.96 -4.96 -18.32
N LYS B 57 -14.96 -5.75 -17.92
CA LYS B 57 -15.03 -6.55 -16.72
C LYS B 57 -13.66 -6.64 -16.06
N GLY B 58 -13.57 -7.17 -14.86
CA GLY B 58 -12.28 -7.32 -14.20
C GLY B 58 -12.27 -6.77 -12.79
N PHE B 59 -11.14 -6.91 -12.10
CA PHE B 59 -10.98 -6.42 -10.73
C PHE B 59 -11.38 -4.96 -10.58
N CYS B 60 -10.90 -4.11 -11.48
CA CYS B 60 -11.15 -2.68 -11.32
C CYS B 60 -12.55 -2.31 -11.78
N ILE B 61 -13.12 -3.10 -12.68
CA ILE B 61 -14.50 -2.88 -13.04
C ILE B 61 -15.39 -3.22 -11.83
N ASP B 62 -15.09 -4.32 -11.15
CA ASP B 62 -15.83 -4.69 -9.96
C ASP B 62 -15.70 -3.62 -8.87
N ILE B 63 -14.48 -3.11 -8.67
CA ILE B 63 -14.31 -1.97 -7.75
C ILE B 63 -15.25 -0.82 -8.14
N LEU B 64 -15.38 -0.58 -9.44
CA LEU B 64 -16.20 0.53 -9.96
C LEU B 64 -17.69 0.37 -9.69
N LYS B 65 -18.21 -0.83 -9.92
CA LYS B 65 -19.57 -1.14 -9.59
C LYS B 65 -19.80 -0.89 -8.12
N LYS B 66 -18.96 -1.51 -7.28
CA LYS B 66 -19.06 -1.33 -5.83
C LYS B 66 -18.98 0.13 -5.44
N LEU B 67 -18.12 0.90 -6.09
CA LEU B 67 -18.01 2.32 -5.77
C LEU B 67 -19.31 3.00 -6.10
N SER B 68 -19.86 2.67 -7.27
CA SER B 68 -21.11 3.26 -7.76
C SER B 68 -22.31 2.96 -6.85
N ARG B 69 -22.44 1.70 -6.45
CA ARG B 69 -23.45 1.28 -5.48
C ARG B 69 -23.42 2.13 -4.24
N THR B 70 -22.25 2.17 -3.59
CA THR B 70 -22.15 2.75 -2.26
C THR B 70 -22.08 4.28 -2.31
N VAL B 71 -21.22 4.81 -3.17
CA VAL B 71 -21.04 6.26 -3.22
C VAL B 71 -22.22 6.94 -3.92
N LYS B 72 -23.05 6.12 -4.56
CA LYS B 72 -24.27 6.57 -5.24
C LYS B 72 -23.98 7.54 -6.39
N PHE B 73 -23.34 7.04 -7.46
CA PHE B 73 -23.31 7.80 -8.71
C PHE B 73 -23.56 6.87 -9.86
N THR B 74 -23.92 7.46 -10.99
CA THR B 74 -24.00 6.74 -12.24
C THR B 74 -22.83 7.20 -13.05
N TYR B 75 -22.47 6.45 -14.09
CA TYR B 75 -21.33 6.82 -14.89
C TYR B 75 -21.43 6.37 -16.36
N ASP B 76 -20.66 7.03 -17.21
CA ASP B 76 -20.45 6.56 -18.57
C ASP B 76 -18.99 6.21 -18.69
N LEU B 77 -18.70 4.92 -18.85
CA LEU B 77 -17.32 4.45 -18.87
C LEU B 77 -16.78 4.44 -20.31
N TYR B 78 -15.59 5.00 -20.53
CA TYR B 78 -15.03 4.98 -21.88
C TYR B 78 -13.56 4.61 -21.81
N LEU B 79 -13.03 4.08 -22.90
CA LEU B 79 -11.62 3.69 -22.94
C LEU B 79 -10.74 4.78 -23.49
N VAL B 80 -9.57 4.94 -22.87
CA VAL B 80 -8.65 5.99 -23.29
C VAL B 80 -8.09 5.65 -24.67
N THR B 81 -7.96 6.67 -25.51
CA THR B 81 -7.37 6.48 -26.85
C THR B 81 -6.04 7.22 -27.01
N ASN B 82 -5.95 8.41 -26.44
CA ASN B 82 -4.73 9.20 -26.58
C ASN B 82 -3.63 8.77 -25.62
N GLY B 83 -2.96 7.66 -25.92
CA GLY B 83 -1.91 7.18 -25.04
C GLY B 83 -2.43 6.06 -24.18
N LYS B 84 -1.78 5.76 -23.05
CA LYS B 84 -2.19 4.65 -22.20
C LYS B 84 -2.43 5.10 -20.74
N HIS B 85 -1.58 4.69 -19.81
CA HIS B 85 -1.78 5.07 -18.39
C HIS B 85 -1.58 6.56 -18.20
N GLY B 86 -0.53 7.11 -18.81
CA GLY B 86 -0.31 8.54 -18.69
C GLY B 86 1.14 8.91 -18.60
N LYS B 87 1.57 9.76 -19.54
CA LYS B 87 2.92 10.29 -19.55
C LYS B 87 2.88 11.77 -19.87
N LYS B 88 3.79 12.54 -19.28
CA LYS B 88 3.94 13.95 -19.56
C LYS B 88 4.93 14.15 -20.72
N VAL B 89 4.41 14.62 -21.85
CA VAL B 89 5.20 14.80 -23.05
C VAL B 89 5.21 16.28 -23.40
N ASN B 90 6.39 16.88 -23.39
CA ASN B 90 6.50 18.34 -23.57
C ASN B 90 5.58 19.04 -22.60
N ASN B 91 5.63 18.63 -21.35
CA ASN B 91 4.81 19.22 -20.30
C ASN B 91 3.30 19.12 -20.53
N VAL B 92 2.85 18.21 -21.40
CA VAL B 92 1.41 17.96 -21.58
C VAL B 92 1.06 16.49 -21.28
N TRP B 93 0.11 16.26 -20.37
CA TRP B 93 -0.23 14.87 -20.00
C TRP B 93 -1.11 14.15 -21.05
N ASN B 94 -0.71 12.94 -21.44
CA ASN B 94 -1.59 12.09 -22.22
C ASN B 94 -2.13 10.99 -21.33
N GLY B 95 -2.87 10.07 -21.93
CA GLY B 95 -3.32 8.87 -21.23
C GLY B 95 -4.48 9.13 -20.32
N MET B 96 -4.79 8.17 -19.48
CA MET B 96 -5.81 8.36 -18.47
C MET B 96 -5.53 9.58 -17.60
N ILE B 97 -4.26 9.78 -17.19
CA ILE B 97 -3.91 10.92 -16.33
C ILE B 97 -4.34 12.26 -16.99
N GLY B 98 -4.12 12.38 -18.30
CA GLY B 98 -4.48 13.59 -19.03
C GLY B 98 -5.98 13.75 -19.26
N GLU B 99 -6.70 12.64 -19.33
CA GLU B 99 -8.15 12.69 -19.44
C GLU B 99 -8.75 13.38 -18.22
N VAL B 100 -8.14 13.15 -17.06
CA VAL B 100 -8.60 13.74 -15.83
C VAL B 100 -8.06 15.17 -15.74
N VAL B 101 -6.76 15.29 -15.99
CA VAL B 101 -6.13 16.60 -16.00
C VAL B 101 -6.84 17.59 -16.94
N TYR B 102 -7.25 17.17 -18.12
CA TYR B 102 -7.96 18.15 -18.99
C TYR B 102 -9.49 18.00 -18.91
N GLN B 103 -9.93 17.38 -17.82
CA GLN B 103 -11.33 17.32 -17.39
C GLN B 103 -12.29 16.70 -18.37
N ARG B 104 -11.77 15.81 -19.22
CA ARG B 104 -12.65 14.96 -20.02
C ARG B 104 -13.27 13.89 -19.12
N ALA B 105 -12.50 13.33 -18.18
CA ALA B 105 -13.05 12.36 -17.23
C ALA B 105 -13.02 12.89 -15.82
N VAL B 106 -14.05 12.57 -15.05
CA VAL B 106 -14.13 12.97 -13.66
C VAL B 106 -13.14 12.13 -12.87
N MET B 107 -12.93 10.91 -13.35
CA MET B 107 -12.03 10.02 -12.65
C MET B 107 -11.53 8.91 -13.54
N ALA B 108 -10.42 8.31 -13.13
CA ALA B 108 -9.80 7.23 -13.87
C ALA B 108 -9.64 6.00 -12.98
N VAL B 109 -10.02 4.87 -13.55
CA VAL B 109 -10.00 3.58 -12.87
C VAL B 109 -9.25 2.57 -13.71
N GLY B 110 -8.50 1.69 -13.06
CA GLY B 110 -7.72 0.71 -13.77
C GLY B 110 -6.43 0.49 -13.02
N SER B 111 -5.54 -0.29 -13.62
CA SER B 111 -4.19 -0.46 -13.12
C SER B 111 -3.38 0.85 -13.23
N LEU B 112 -3.81 1.88 -12.52
CA LEU B 112 -3.14 3.18 -12.58
C LEU B 112 -2.22 3.42 -11.38
N THR B 113 -0.92 3.31 -11.59
CA THR B 113 0.07 3.44 -10.52
C THR B 113 0.19 4.86 -9.95
N ILE B 114 0.26 4.96 -8.63
CA ILE B 114 0.39 6.26 -7.99
C ILE B 114 1.88 6.58 -7.88
N ASN B 115 2.30 7.68 -8.49
CA ASN B 115 3.60 8.27 -8.15
C ASN B 115 3.52 9.78 -7.87
N GLU B 116 4.64 10.31 -7.39
CA GLU B 116 4.81 11.72 -7.07
C GLU B 116 4.38 12.66 -8.22
N GLU B 117 4.90 12.47 -9.42
CA GLU B 117 4.61 13.43 -10.49
C GLU B 117 3.12 13.45 -10.91
N ARG B 118 2.46 12.31 -10.94
CA ARG B 118 1.04 12.31 -11.29
C ARG B 118 0.24 12.96 -10.17
N SER B 119 0.66 12.72 -8.93
CA SER B 119 -0.01 13.30 -7.77
C SER B 119 0.16 14.82 -7.71
N GLU B 120 1.07 15.38 -8.49
CA GLU B 120 1.13 16.83 -8.54
C GLU B 120 -0.04 17.40 -9.35
N VAL B 121 -0.60 16.59 -10.27
CA VAL B 121 -1.60 17.13 -11.19
C VAL B 121 -2.98 16.52 -11.05
N VAL B 122 -3.10 15.36 -10.41
CA VAL B 122 -4.43 14.85 -10.06
C VAL B 122 -4.46 14.47 -8.59
N ASP B 123 -5.64 14.16 -8.07
CA ASP B 123 -5.75 13.61 -6.73
C ASP B 123 -5.98 12.10 -6.82
N PHE B 124 -5.35 11.35 -5.93
CA PHE B 124 -5.47 9.90 -5.91
C PHE B 124 -6.19 9.43 -4.67
N SER B 125 -7.02 8.41 -4.85
CA SER B 125 -7.64 7.67 -3.75
C SER B 125 -6.57 6.96 -2.92
N VAL B 126 -6.97 6.38 -1.79
CA VAL B 126 -6.09 5.45 -1.11
C VAL B 126 -5.75 4.33 -2.09
N PRO B 127 -4.49 3.89 -2.11
CA PRO B 127 -4.16 2.71 -2.92
C PRO B 127 -5.02 1.50 -2.55
N PHE B 128 -5.60 0.84 -3.53
CA PHE B 128 -6.39 -0.35 -3.26
C PHE B 128 -5.80 -1.62 -3.88
N VAL B 129 -4.71 -1.51 -4.64
CA VAL B 129 -3.94 -2.72 -5.02
C VAL B 129 -2.44 -2.47 -4.76
N GLU B 130 -1.77 -3.35 -4.04
CA GLU B 130 -0.34 -3.13 -3.85
C GLU B 130 0.35 -3.32 -5.19
N THR B 131 1.35 -2.48 -5.49
CA THR B 131 2.17 -2.76 -6.64
C THR B 131 3.51 -2.13 -6.40
N GLY B 132 4.37 -2.16 -7.42
CA GLY B 132 5.67 -1.52 -7.40
C GLY B 132 6.37 -1.86 -8.71
N ILE B 133 7.67 -2.14 -8.63
CA ILE B 133 8.45 -2.58 -9.78
C ILE B 133 9.11 -3.92 -9.45
N SER B 134 8.86 -4.91 -10.31
CA SER B 134 9.47 -6.23 -10.13
C SER B 134 10.19 -6.66 -11.40
N VAL B 135 11.04 -7.67 -11.25
CA VAL B 135 11.71 -8.24 -12.40
C VAL B 135 11.24 -9.66 -12.61
N MET B 136 10.73 -9.92 -13.80
CA MET B 136 10.33 -11.26 -14.13
C MET B 136 11.38 -11.95 -14.99
N VAL B 137 11.69 -13.18 -14.63
CA VAL B 137 12.54 -14.04 -15.44
C VAL B 137 11.81 -15.31 -15.84
N SER B 138 12.42 -16.08 -16.75
CA SER B 138 11.86 -17.33 -17.28
C SER B 138 12.74 -18.53 -17.01
N ARG B 139 14.01 -18.27 -16.73
CA ARG B 139 15.02 -19.25 -16.38
C ARG B 139 15.56 -18.93 -14.98
N GLY B 140 16.24 -19.87 -14.33
CA GLY B 140 16.91 -19.59 -13.07
C GLY B 140 17.90 -18.45 -13.20
N THR B 141 18.01 -17.62 -12.15
CA THR B 141 19.00 -16.54 -12.11
C THR B 141 19.40 -16.21 -10.68
N GLN B 142 20.52 -15.50 -10.53
CA GLN B 142 21.04 -15.10 -9.21
C GLN B 142 20.88 -13.61 -8.96
N VAL B 143 20.14 -12.95 -9.85
CA VAL B 143 19.96 -11.51 -9.78
C VAL B 143 19.11 -11.11 -8.58
N THR B 144 19.55 -10.06 -7.88
CA THR B 144 18.97 -9.67 -6.61
C THR B 144 17.62 -8.96 -6.76
N GLY B 145 17.63 -7.91 -7.56
CA GLY B 145 16.47 -7.09 -7.78
C GLY B 145 16.86 -6.10 -8.87
N LEU B 146 16.08 -5.04 -9.00
CA LEU B 146 16.38 -3.99 -9.96
C LEU B 146 17.76 -3.39 -9.68
N SER B 147 18.14 -3.34 -8.41
CA SER B 147 19.39 -2.71 -7.97
C SER B 147 20.64 -3.56 -8.11
N ASP B 148 20.55 -4.69 -8.81
CA ASP B 148 21.72 -5.54 -9.05
C ASP B 148 22.69 -4.86 -10.04
N LYS B 149 23.98 -5.13 -9.86
CA LYS B 149 25.01 -4.57 -10.73
C LYS B 149 24.81 -4.98 -12.20
N LYS B 150 24.20 -6.14 -12.43
CA LYS B 150 23.94 -6.59 -13.81
C LYS B 150 23.04 -5.59 -14.53
N PHE B 151 22.18 -4.92 -13.78
CA PHE B 151 21.26 -3.94 -14.35
C PHE B 151 21.85 -2.55 -14.35
N GLN B 152 22.53 -2.18 -13.27
CA GLN B 152 22.95 -0.80 -13.10
C GLN B 152 24.16 -0.46 -13.94
N ARG B 153 25.06 -1.42 -14.03
CA ARG B 153 26.26 -1.30 -14.83
C ARG B 153 26.37 -2.56 -15.67
N PRO B 154 25.52 -2.68 -16.69
CA PRO B 154 25.38 -3.91 -17.46
C PRO B 154 26.66 -4.28 -18.19
N HIS B 155 27.30 -3.31 -18.84
CA HIS B 155 28.49 -3.57 -19.64
C HIS B 155 29.74 -3.94 -18.83
N ASP B 156 29.60 -3.99 -17.50
CA ASP B 156 30.64 -4.56 -16.64
C ASP B 156 30.80 -6.04 -16.92
N TYR B 157 29.80 -6.61 -17.59
CA TYR B 157 29.72 -8.02 -17.91
C TYR B 157 29.88 -8.24 -19.42
N SER B 158 30.67 -9.23 -19.79
CA SER B 158 30.79 -9.65 -21.18
C SER B 158 30.36 -11.11 -21.31
N PRO B 159 29.23 -11.34 -22.01
CA PRO B 159 28.41 -10.29 -22.60
C PRO B 159 27.44 -9.72 -21.56
N PRO B 160 26.72 -8.64 -21.89
CA PRO B 160 25.79 -8.07 -20.91
C PRO B 160 24.43 -8.75 -20.88
N PHE B 161 23.67 -8.50 -19.82
CA PHE B 161 22.32 -9.01 -19.74
C PHE B 161 21.38 -8.19 -20.61
N ARG B 162 20.43 -8.85 -21.25
CA ARG B 162 19.46 -8.12 -22.05
C ARG B 162 18.09 -8.09 -21.37
N PHE B 163 17.64 -6.89 -21.04
CA PHE B 163 16.43 -6.74 -20.23
C PHE B 163 15.74 -5.46 -20.61
N GLY B 164 14.43 -5.41 -20.41
CA GLY B 164 13.67 -4.27 -20.84
C GLY B 164 12.35 -4.06 -20.16
N THR B 165 11.71 -2.95 -20.47
CA THR B 165 10.38 -2.70 -19.94
C THR B 165 9.44 -2.34 -21.10
N VAL B 166 8.21 -1.99 -20.79
CA VAL B 166 7.30 -1.37 -21.72
C VAL B 166 7.39 0.08 -21.35
N PRO B 167 7.76 0.95 -22.30
CA PRO B 167 8.04 2.34 -22.00
C PRO B 167 6.78 3.20 -21.77
N ASN B 168 6.98 4.42 -21.26
CA ASN B 168 5.98 5.47 -21.18
C ASN B 168 5.04 5.36 -20.00
N GLY B 169 5.28 4.38 -19.14
CA GLY B 169 4.54 4.26 -17.91
C GLY B 169 5.36 4.56 -16.66
N SER B 170 4.73 4.30 -15.50
CA SER B 170 5.34 4.65 -14.23
C SER B 170 6.66 3.91 -14.02
N THR B 171 6.81 2.71 -14.59
CA THR B 171 8.06 1.96 -14.39
C THR B 171 9.23 2.62 -15.11
N GLU B 172 9.07 2.91 -16.40
CA GLU B 172 10.12 3.56 -17.15
C GLU B 172 10.46 4.92 -16.55
N ARG B 173 9.42 5.67 -16.15
CA ARG B 173 9.61 6.99 -15.54
C ARG B 173 10.47 6.92 -14.28
N ASN B 174 10.36 5.80 -13.58
CA ASN B 174 11.14 5.59 -12.36
C ASN B 174 12.59 5.23 -12.66
N ILE B 175 12.80 4.25 -13.54
CA ILE B 175 14.17 3.91 -13.91
C ILE B 175 14.88 5.14 -14.53
N ARG B 176 14.17 5.95 -15.30
CA ARG B 176 14.80 7.15 -15.86
C ARG B 176 15.32 8.12 -14.79
N ASN B 177 14.54 8.38 -13.73
CA ASN B 177 14.98 9.24 -12.62
C ASN B 177 16.11 8.67 -11.79
N ASN B 178 16.04 7.39 -11.44
CA ASN B 178 17.01 6.77 -10.54
C ASN B 178 18.27 6.21 -11.19
N TYR B 179 18.13 5.49 -12.31
CA TYR B 179 19.31 4.87 -12.92
C TYR B 179 19.48 5.33 -14.35
N PRO B 180 20.19 6.45 -14.54
CA PRO B 180 20.30 6.98 -15.91
C PRO B 180 20.96 6.00 -16.87
N TYR B 181 22.06 5.39 -16.47
CA TYR B 181 22.76 4.51 -17.39
C TYR B 181 21.95 3.25 -17.73
N MET B 182 21.37 2.60 -16.72
CA MET B 182 20.47 1.49 -16.96
C MET B 182 19.37 1.91 -17.93
N HIS B 183 18.84 3.10 -17.73
CA HIS B 183 17.74 3.54 -18.56
C HIS B 183 18.15 3.63 -20.03
N GLN B 184 19.30 4.22 -20.34
CA GLN B 184 19.60 4.36 -21.78
C GLN B 184 20.11 3.06 -22.39
N TYR B 185 20.55 2.13 -21.54
CA TYR B 185 20.93 0.81 -22.01
C TYR B 185 19.69 -0.05 -22.35
N MET B 186 18.64 0.09 -21.56
CA MET B 186 17.40 -0.67 -21.69
C MET B 186 16.58 -0.36 -22.93
N THR B 187 16.70 0.87 -23.42
CA THR B 187 15.78 1.37 -24.43
C THR B 187 15.82 0.50 -25.67
N ARG B 188 16.99 0.02 -26.02
CA ARG B 188 17.07 -0.87 -27.16
C ARG B 188 16.30 -2.19 -26.96
N PHE B 189 15.89 -2.48 -25.72
CA PHE B 189 15.10 -3.67 -25.44
C PHE B 189 13.65 -3.38 -25.06
N ASN B 190 13.21 -2.13 -25.26
CA ASN B 190 11.81 -1.76 -25.09
C ASN B 190 10.88 -2.77 -25.77
N GLN B 191 9.90 -3.27 -25.03
CA GLN B 191 8.83 -4.15 -25.49
C GLN B 191 7.54 -3.38 -25.71
N ARG B 192 6.77 -3.75 -26.73
CA ARG B 192 5.58 -2.98 -27.06
C ARG B 192 4.40 -3.30 -26.14
N GLY B 193 4.51 -4.39 -25.39
CA GLY B 193 3.45 -4.77 -24.47
C GLY B 193 3.88 -5.94 -23.61
N VAL B 194 3.07 -6.25 -22.59
CA VAL B 194 3.37 -7.34 -21.66
C VAL B 194 3.43 -8.68 -22.42
N GLU B 195 2.46 -8.91 -23.31
CA GLU B 195 2.46 -10.12 -24.15
C GLU B 195 3.75 -10.31 -24.96
N ASP B 196 4.18 -9.24 -25.61
CA ASP B 196 5.42 -9.27 -26.35
C ASP B 196 6.59 -9.68 -25.46
N ALA B 197 6.72 -9.02 -24.31
CA ALA B 197 7.84 -9.30 -23.40
C ALA B 197 7.91 -10.76 -22.99
N LEU B 198 6.74 -11.31 -22.64
CA LEU B 198 6.64 -12.69 -22.19
C LEU B 198 7.08 -13.64 -23.31
N VAL B 199 6.67 -13.35 -24.55
CA VAL B 199 7.14 -14.13 -25.69
C VAL B 199 8.66 -14.07 -25.75
N SER B 200 9.23 -12.88 -25.67
CA SER B 200 10.70 -12.71 -25.68
C SER B 200 11.39 -13.44 -24.55
N LEU B 201 10.78 -13.44 -23.37
CA LEU B 201 11.36 -14.18 -22.27
C LEU B 201 11.40 -15.68 -22.56
N LYS B 202 10.29 -16.23 -23.06
CA LYS B 202 10.23 -17.68 -23.21
C LYS B 202 11.14 -18.14 -24.34
N THR B 203 11.25 -17.32 -25.39
CA THR B 203 12.11 -17.67 -26.53
C THR B 203 13.59 -17.35 -26.28
N GLY B 204 13.88 -16.56 -25.25
CA GLY B 204 15.27 -16.24 -24.92
C GLY B 204 15.89 -15.06 -25.65
N LYS B 205 15.09 -14.24 -26.32
CA LYS B 205 15.64 -12.99 -26.86
C LYS B 205 15.62 -11.88 -25.82
N LEU B 206 15.10 -12.19 -24.64
CA LEU B 206 15.09 -11.27 -23.51
C LEU B 206 15.44 -12.04 -22.26
N ASP B 207 16.37 -11.53 -21.47
CA ASP B 207 16.84 -12.25 -20.28
C ASP B 207 15.97 -11.91 -19.04
N ALA B 208 15.43 -10.70 -19.00
CA ALA B 208 14.64 -10.23 -17.87
C ALA B 208 13.68 -9.14 -18.31
N PHE B 209 12.52 -9.12 -17.69
CA PHE B 209 11.51 -8.13 -18.00
C PHE B 209 11.11 -7.34 -16.72
N ILE B 210 11.37 -6.04 -16.76
CA ILE B 210 11.19 -5.15 -15.61
C ILE B 210 9.90 -4.34 -15.73
N TYR B 211 8.98 -4.52 -14.79
CA TYR B 211 7.62 -4.02 -14.96
C TYR B 211 6.85 -4.01 -13.66
N ASP B 212 5.64 -3.46 -13.75
CA ASP B 212 4.67 -3.40 -12.66
C ASP B 212 4.49 -4.73 -11.91
N ALA B 213 4.77 -4.72 -10.62
CA ALA B 213 4.73 -5.96 -9.81
C ALA B 213 3.35 -6.67 -9.79
N ALA B 214 2.25 -5.92 -9.74
CA ALA B 214 0.97 -6.58 -9.61
C ALA B 214 0.65 -7.39 -10.86
N VAL B 215 0.92 -6.82 -12.02
CA VAL B 215 0.72 -7.53 -13.28
C VAL B 215 1.70 -8.68 -13.41
N LEU B 216 2.96 -8.44 -13.07
CA LEU B 216 3.94 -9.52 -13.16
C LEU B 216 3.56 -10.69 -12.28
N ASN B 217 3.06 -10.42 -11.07
CA ASN B 217 2.69 -11.50 -10.15
C ASN B 217 1.51 -12.27 -10.70
N TYR B 218 0.59 -11.51 -11.29
CA TYR B 218 -0.58 -12.09 -11.91
C TYR B 218 -0.16 -13.00 -13.07
N LYS B 219 0.63 -12.45 -13.98
CA LYS B 219 1.13 -13.21 -15.11
C LYS B 219 1.79 -14.51 -14.68
N ALA B 220 2.67 -14.44 -13.68
CA ALA B 220 3.37 -15.63 -13.22
C ALA B 220 2.36 -16.59 -12.59
N GLY B 221 1.34 -16.02 -11.95
CA GLY B 221 0.27 -16.81 -11.38
C GLY B 221 -0.49 -17.67 -12.39
N ARG B 222 -0.61 -17.19 -13.62
CA ARG B 222 -1.43 -17.93 -14.57
C ARG B 222 -0.59 -18.55 -15.67
N ASP B 223 0.71 -18.69 -15.42
CA ASP B 223 1.63 -19.21 -16.42
C ASP B 223 1.66 -20.73 -16.44
N GLU B 224 1.37 -21.31 -17.59
CA GLU B 224 1.41 -22.76 -17.76
C GLU B 224 2.84 -23.27 -17.75
N GLY B 225 3.11 -24.21 -16.87
CA GLY B 225 4.45 -24.76 -16.71
C GLY B 225 5.15 -24.08 -15.57
N CYS B 226 4.63 -22.91 -15.20
CA CYS B 226 5.13 -22.14 -14.07
C CYS B 226 6.62 -21.83 -14.19
N LYS B 227 7.06 -21.50 -15.40
CA LYS B 227 8.47 -21.21 -15.63
C LYS B 227 8.79 -19.73 -15.40
N LEU B 228 7.77 -18.87 -15.46
CA LEU B 228 7.96 -17.44 -15.23
C LEU B 228 7.84 -17.08 -13.75
N VAL B 229 8.92 -16.58 -13.15
CA VAL B 229 8.82 -16.13 -11.77
C VAL B 229 9.31 -14.70 -11.64
N THR B 230 8.99 -14.08 -10.50
CA THR B 230 9.54 -12.79 -10.16
C THR B 230 10.76 -13.00 -9.28
N ILE B 231 11.85 -12.28 -9.55
CA ILE B 231 13.07 -12.55 -8.79
C ILE B 231 12.95 -12.11 -7.33
N GLY B 232 13.69 -12.83 -6.49
CA GLY B 232 13.81 -12.55 -5.07
C GLY B 232 12.50 -12.66 -4.32
N SER B 233 11.84 -13.82 -4.41
CA SER B 233 10.63 -14.05 -3.62
C SER B 233 9.53 -13.06 -4.00
N GLY B 234 9.54 -12.64 -5.27
CA GLY B 234 8.63 -11.59 -5.72
C GLY B 234 8.88 -10.28 -4.97
N TYR B 235 10.10 -9.78 -5.08
CA TYR B 235 10.46 -8.54 -4.42
C TYR B 235 9.84 -7.33 -5.14
N ILE B 236 9.61 -6.24 -4.41
CA ILE B 236 9.02 -5.03 -4.98
C ILE B 236 9.83 -3.79 -4.62
N PHE B 237 10.54 -3.25 -5.60
CA PHE B 237 11.21 -1.96 -5.43
C PHE B 237 10.17 -0.87 -5.59
N ALA B 238 10.32 0.23 -4.86
CA ALA B 238 9.45 1.40 -5.01
C ALA B 238 7.97 1.08 -4.82
N THR B 239 7.67 0.37 -3.73
CA THR B 239 6.32 -0.09 -3.42
C THR B 239 5.31 1.10 -3.41
N THR B 240 4.16 0.90 -4.07
CA THR B 240 3.08 1.87 -4.12
C THR B 240 1.78 1.10 -4.38
N GLY B 241 0.83 1.75 -5.03
CA GLY B 241 -0.41 1.10 -5.36
C GLY B 241 -1.17 1.66 -6.56
N TYR B 242 -2.12 0.89 -7.06
CA TYR B 242 -3.04 1.45 -8.03
C TYR B 242 -3.95 2.34 -7.23
N GLY B 243 -4.47 3.37 -7.86
CA GLY B 243 -5.44 4.24 -7.22
C GLY B 243 -6.40 4.81 -8.24
N ILE B 244 -7.51 5.31 -7.74
CA ILE B 244 -8.45 6.03 -8.57
C ILE B 244 -7.95 7.44 -8.69
N ALA B 245 -7.70 7.88 -9.92
CA ALA B 245 -7.27 9.26 -10.12
C ALA B 245 -8.51 10.13 -10.28
N LEU B 246 -8.57 11.19 -9.48
CA LEU B 246 -9.63 12.18 -9.60
C LEU B 246 -9.00 13.53 -9.85
N GLN B 247 -9.85 14.49 -10.19
CA GLN B 247 -9.36 15.83 -10.48
C GLN B 247 -8.84 16.48 -9.22
N LYS B 248 -7.88 17.38 -9.38
CA LYS B 248 -7.33 18.08 -8.23
C LYS B 248 -8.43 18.83 -7.49
N GLY B 249 -8.55 18.54 -6.20
CA GLY B 249 -9.56 19.16 -5.37
C GLY B 249 -10.94 18.57 -5.55
N SER B 250 -11.00 17.33 -6.01
CA SER B 250 -12.30 16.70 -6.25
C SER B 250 -13.09 16.52 -4.98
N PRO B 251 -14.38 16.84 -5.04
CA PRO B 251 -15.33 16.57 -3.96
C PRO B 251 -15.50 15.07 -3.70
N TRP B 252 -15.21 14.24 -4.70
CA TRP B 252 -15.46 12.80 -4.62
C TRP B 252 -14.44 12.00 -3.83
N LYS B 253 -13.24 12.56 -3.65
CA LYS B 253 -12.12 11.81 -3.10
C LYS B 253 -12.48 11.20 -1.74
N ARG B 254 -13.17 11.98 -0.91
CA ARG B 254 -13.43 11.54 0.45
C ARG B 254 -14.33 10.30 0.50
N GLN B 255 -15.50 10.39 -0.12
CA GLN B 255 -16.44 9.27 -0.09
C GLN B 255 -15.85 8.05 -0.81
N ILE B 256 -15.13 8.28 -1.92
CA ILE B 256 -14.45 7.18 -2.62
C ILE B 256 -13.45 6.48 -1.68
N ASP B 257 -12.70 7.27 -0.90
CA ASP B 257 -11.70 6.72 0.03
C ASP B 257 -12.28 5.86 1.14
N LEU B 258 -13.29 6.42 1.81
CA LEU B 258 -13.96 5.74 2.89
C LEU B 258 -14.67 4.53 2.35
N ALA B 259 -15.19 4.61 1.13
CA ALA B 259 -15.88 3.47 0.53
C ALA B 259 -14.89 2.34 0.31
N LEU B 260 -13.72 2.72 -0.23
CA LEU B 260 -12.66 1.76 -0.49
C LEU B 260 -12.25 1.08 0.81
N LEU B 261 -11.91 1.88 1.83
CA LEU B 261 -11.50 1.37 3.14
C LEU B 261 -12.56 0.47 3.77
N GLN B 262 -13.83 0.83 3.60
CA GLN B 262 -14.91 -0.06 3.99
C GLN B 262 -14.86 -1.41 3.26
N PHE B 263 -14.52 -1.43 1.96
CA PHE B 263 -14.49 -2.72 1.23
C PHE B 263 -13.46 -3.62 1.85
N VAL B 264 -12.44 -3.00 2.45
CA VAL B 264 -11.38 -3.74 3.12
C VAL B 264 -11.90 -4.45 4.38
N GLY B 265 -12.71 -3.75 5.17
CA GLY B 265 -13.25 -4.29 6.41
C GLY B 265 -14.31 -5.33 6.15
N ASP B 266 -15.07 -5.12 5.07
CA ASP B 266 -16.11 -6.03 4.60
C ASP B 266 -15.65 -7.40 4.20
N GLY B 267 -14.37 -7.53 3.85
CA GLY B 267 -13.90 -8.74 3.21
C GLY B 267 -14.11 -8.66 1.69
N GLU B 268 -14.80 -7.60 1.26
CA GLU B 268 -15.09 -7.37 -0.16
C GLU B 268 -13.85 -7.33 -1.03
N MET B 269 -12.76 -6.75 -0.52
CA MET B 269 -11.53 -6.72 -1.29
C MET B 269 -10.92 -8.10 -1.44
N GLU B 270 -10.92 -8.85 -0.35
CA GLU B 270 -10.33 -10.16 -0.36
C GLU B 270 -11.07 -11.04 -1.34
N GLU B 271 -12.39 -10.87 -1.41
CA GLU B 271 -13.22 -11.60 -2.36
C GLU B 271 -12.86 -11.22 -3.78
N LEU B 272 -12.64 -9.94 -4.04
CA LEU B 272 -12.26 -9.50 -5.38
C LEU B 272 -10.92 -10.11 -5.71
N GLU B 273 -10.02 -10.07 -4.74
CA GLU B 273 -8.69 -10.56 -4.94
C GLU B 273 -8.71 -12.03 -5.37
N THR B 274 -9.51 -12.86 -4.69
CA THR B 274 -9.51 -14.29 -4.96
C THR B 274 -10.28 -14.55 -6.24
N LEU B 275 -11.29 -13.73 -6.49
CA LEU B 275 -12.06 -13.83 -7.72
C LEU B 275 -11.18 -13.66 -8.96
N TRP B 276 -10.34 -12.63 -8.95
CA TRP B 276 -9.55 -12.26 -10.13
C TRP B 276 -8.07 -12.61 -10.06
N LEU B 277 -7.48 -12.67 -8.87
CA LEU B 277 -6.04 -12.78 -8.83
C LEU B 277 -5.52 -14.14 -8.38
N THR B 278 -6.42 -15.12 -8.23
CA THR B 278 -6.03 -16.51 -7.93
C THR B 278 -5.11 -17.09 -8.98
N GLY B 279 -3.96 -17.58 -8.54
CA GLY B 279 -3.02 -18.22 -9.46
C GLY B 279 -3.11 -19.73 -9.49
N ILE B 280 -2.19 -20.36 -10.22
CA ILE B 280 -2.02 -21.81 -10.19
C ILE B 280 -0.58 -22.14 -9.81
N CYS B 281 0.22 -21.11 -9.52
CA CYS B 281 1.64 -21.31 -9.23
C CYS B 281 2.05 -20.65 -7.91
#